data_3GUH
#
_entry.id   3GUH
#
_cell.length_a   125.841
_cell.length_b   125.841
_cell.length_c   153.263
_cell.angle_alpha   90.000
_cell.angle_beta   90.000
_cell.angle_gamma   90.000
#
_symmetry.space_group_name_H-M   'I 41'
#
loop_
_entity.id
_entity.type
_entity.pdbx_description
1 polymer 'Glycogen synthase'
2 non-polymer "ADENOSINE-5'-DIPHOSPHATE"
3 non-polymer '(2R)-2-hydroxy-3-[4-(2-hydroxyethyl)piperazin-1-yl]propane-1-sulfonic acid'
4 non-polymer 1,5-anhydro-D-glucitol
5 non-polymer 3,6,9,12,15,18,21,24,27,30,33,36,39-TRIDECAOXAHENTETRACONTANE-1,41-DIOL
6 non-polymer 'ACETATE ION'
7 water water
#
_entity_poly.entity_id   1
_entity_poly.type   'polypeptide(L)'
_entity_poly.pdbx_seq_one_letter_code
;MQVLHVCSEMFPLLKTGGLADVIGALPAAQIADGVDARVLLPAFPDIRRGVTDAQVVSRRDTFAGHITLLFGHYNGVGIY
LIDAPHLYDRPGSPYHDTNLFAYTDNVLRFALLGWVGAEMASGLDPFWRPDVVHAHDWHAGLAPAYLAARGRPAKSVFTV
HNLAYQGMFYAHHMNDIQLPWSFFNIHGLEFNGQISFLKAGLYYADHITAVSPTYAREITEPQFAYGMEGLLQQRHREGR
LSGVLNGVDEKIWSPETDLLLASRYTRDTLEDKAENKRQLQIAMGLKVDDKVPLFAVVSRLTSQKGLDLVLEALPGLLEQ
GGQLALLGAGDPVLQEGFLAAAAEYPGQVGVQIGYHEAFSHRIMGGADVILVPSRFEPCGLTQLYGLKYGTLPLVRRTGG
LADTVSDCSLENLADGVASGFVFEDSNAWSLLRAIRRAFVLWSRPSLWRFVQRQAMAMDFSWQVAAKSYRELYYRLKLEH
HHHHH
;
_entity_poly.pdbx_strand_id   A
#
# COMPACT_ATOMS: atom_id res chain seq x y z
N MET A 1 22.64 7.97 -11.72
CA MET A 1 21.73 8.08 -10.55
C MET A 1 21.56 6.69 -9.98
N GLN A 2 22.02 6.43 -8.77
CA GLN A 2 21.83 5.14 -8.23
C GLN A 2 20.92 5.32 -7.01
N VAL A 3 19.84 4.55 -6.90
CA VAL A 3 18.97 4.68 -5.74
C VAL A 3 18.85 3.34 -5.09
N LEU A 4 18.78 3.32 -3.75
CA LEU A 4 18.54 2.10 -3.03
C LEU A 4 17.27 2.25 -2.27
N HIS A 5 16.27 1.40 -2.55
CA HIS A 5 15.07 1.44 -1.74
C HIS A 5 15.33 0.59 -0.51
N VAL A 6 14.92 1.08 0.66
CA VAL A 6 15.10 0.32 1.87
C VAL A 6 13.72 0.03 2.41
N CYS A 7 13.36 -1.23 2.62
CA CYS A 7 11.95 -1.52 2.94
C CYS A 7 11.82 -2.93 3.39
N SER A 8 10.64 -3.38 3.77
CA SER A 8 10.55 -4.69 4.37
C SER A 8 9.70 -5.70 3.69
N GLU A 9 9.08 -5.36 2.55
CA GLU A 9 8.25 -6.30 1.77
C GLU A 9 8.48 -6.07 0.28
N MET A 10 8.00 -7.00 -0.55
CA MET A 10 8.13 -6.86 -1.99
C MET A 10 7.35 -7.93 -2.68
N PHE A 11 6.33 -7.54 -3.45
CA PHE A 11 5.53 -8.50 -4.17
C PHE A 11 6.35 -9.06 -5.34
N PRO A 12 6.21 -10.37 -5.65
CA PRO A 12 5.33 -11.42 -5.07
C PRO A 12 5.99 -12.21 -3.91
N LEU A 13 7.29 -11.99 -3.66
CA LEU A 13 8.00 -12.64 -2.59
C LEU A 13 7.34 -12.57 -1.19
N LEU A 14 6.95 -11.40 -0.68
CA LEU A 14 6.35 -11.31 0.63
C LEU A 14 5.52 -10.05 0.63
N LYS A 15 4.27 -10.15 1.03
CA LYS A 15 3.33 -9.05 0.93
C LYS A 15 2.32 -9.07 2.04
N THR A 16 2.23 -8.01 2.81
CA THR A 16 1.12 -7.91 3.73
C THR A 16 0.15 -6.79 3.39
N GLY A 17 0.53 -5.94 2.44
CA GLY A 17 -0.27 -4.78 2.03
C GLY A 17 0.26 -4.06 0.81
N GLY A 18 -0.28 -2.89 0.52
CA GLY A 18 0.12 -2.16 -0.68
C GLY A 18 1.61 -1.85 -0.87
N LEU A 19 2.31 -1.59 0.25
CA LEU A 19 3.77 -1.33 0.19
C LEU A 19 4.45 -2.38 -0.67
N ALA A 20 4.04 -3.64 -0.57
CA ALA A 20 4.72 -4.66 -1.29
C ALA A 20 4.56 -4.49 -2.78
N ASP A 21 3.39 -4.06 -3.21
CA ASP A 21 3.10 -3.86 -4.61
C ASP A 21 3.96 -2.69 -5.22
N VAL A 22 4.10 -1.60 -4.47
CA VAL A 22 4.99 -0.55 -4.85
C VAL A 22 6.39 -1.14 -5.02
N ILE A 23 6.88 -1.85 -4.03
CA ILE A 23 8.26 -2.21 -4.08
C ILE A 23 8.45 -3.22 -5.23
N GLY A 24 7.40 -3.96 -5.53
CA GLY A 24 7.50 -4.96 -6.57
C GLY A 24 7.57 -4.42 -7.97
N ALA A 25 7.28 -3.13 -8.15
CA ALA A 25 7.04 -2.55 -9.50
C ALA A 25 7.78 -1.26 -9.78
N LEU A 26 7.99 -0.43 -8.76
CA LEU A 26 8.55 0.90 -8.97
C LEU A 26 9.95 0.77 -9.43
N PRO A 27 10.76 -0.09 -8.81
CA PRO A 27 12.16 -0.11 -9.24
C PRO A 27 12.30 -0.41 -10.76
N ALA A 28 11.60 -1.44 -11.27
CA ALA A 28 11.65 -1.75 -12.73
C ALA A 28 11.25 -0.51 -13.53
N ALA A 29 10.15 0.15 -13.14
CA ALA A 29 9.79 1.39 -13.82
C ALA A 29 10.98 2.38 -13.83
N GLN A 30 11.59 2.59 -12.69
CA GLN A 30 12.63 3.57 -12.63
C GLN A 30 13.78 3.19 -13.52
N ILE A 31 14.04 1.88 -13.62
CA ILE A 31 15.18 1.44 -14.41
C ILE A 31 14.84 1.82 -15.86
N ALA A 32 13.61 1.52 -16.30
CA ALA A 32 13.13 1.93 -17.66
C ALA A 32 13.39 3.40 -17.93
N ASP A 33 13.26 4.23 -16.90
CA ASP A 33 13.33 5.67 -17.03
C ASP A 33 14.72 6.20 -16.65
N GLY A 34 15.69 5.29 -16.64
CA GLY A 34 17.14 5.63 -16.58
C GLY A 34 17.67 6.01 -15.22
N VAL A 35 17.15 5.31 -14.20
CA VAL A 35 17.69 5.36 -12.81
C VAL A 35 18.02 3.95 -12.44
N ASP A 36 19.21 3.75 -11.92
CA ASP A 36 19.63 2.41 -11.55
C ASP A 36 19.10 2.17 -10.14
N ALA A 37 17.88 1.61 -10.02
CA ALA A 37 17.26 1.27 -8.71
C ALA A 37 17.61 -0.13 -8.25
N ARG A 38 18.04 -0.25 -7.00
CA ARG A 38 18.21 -1.56 -6.40
C ARG A 38 17.33 -1.63 -5.12
N VAL A 39 17.07 -2.82 -4.62
CA VAL A 39 16.22 -2.91 -3.40
C VAL A 39 16.99 -3.61 -2.28
N LEU A 40 16.88 -3.11 -1.04
CA LEU A 40 17.48 -3.79 0.11
C LEU A 40 16.36 -4.27 1.02
N LEU A 41 16.27 -5.58 1.18
CA LEU A 41 15.26 -6.17 2.06
C LEU A 41 15.90 -7.06 3.13
N PRO A 42 15.25 -7.20 4.32
CA PRO A 42 15.76 -8.22 5.28
C PRO A 42 15.61 -9.56 4.63
N ALA A 43 16.54 -10.50 4.88
CA ALA A 43 16.39 -11.86 4.32
C ALA A 43 15.33 -12.71 4.98
N PHE A 44 14.05 -12.31 5.01
CA PHE A 44 13.03 -13.24 5.45
C PHE A 44 12.95 -14.50 4.55
N PRO A 45 12.41 -15.58 5.09
CA PRO A 45 12.58 -16.85 4.30
C PRO A 45 11.97 -16.83 2.92
N ASP A 46 10.77 -16.31 2.82
CA ASP A 46 10.15 -16.14 1.52
C ASP A 46 10.94 -15.23 0.60
N ILE A 47 11.51 -14.14 1.09
CA ILE A 47 12.35 -13.39 0.21
C ILE A 47 13.57 -14.22 -0.18
N ARG A 48 14.29 -14.78 0.79
CA ARG A 48 15.52 -15.50 0.46
C ARG A 48 15.22 -16.56 -0.59
N ARG A 49 14.10 -17.26 -0.50
CA ARG A 49 13.97 -18.37 -1.42
C ARG A 49 13.58 -17.96 -2.83
N GLY A 50 13.05 -16.76 -2.98
CA GLY A 50 12.77 -16.21 -4.30
C GLY A 50 13.94 -15.74 -5.12
N VAL A 51 15.02 -15.29 -4.47
CA VAL A 51 16.14 -14.71 -5.15
C VAL A 51 17.18 -15.82 -5.37
N THR A 52 17.06 -16.60 -6.44
CA THR A 52 18.01 -17.78 -6.55
C THR A 52 19.48 -17.55 -7.10
N ASP A 53 19.91 -16.31 -7.39
CA ASP A 53 21.25 -16.12 -7.93
C ASP A 53 22.07 -15.28 -6.93
N ALA A 54 21.71 -15.34 -5.65
CA ALA A 54 22.29 -14.40 -4.68
C ALA A 54 23.70 -14.78 -4.21
N GLN A 55 24.66 -13.89 -4.37
CA GLN A 55 26.03 -14.12 -3.98
C GLN A 55 26.31 -13.30 -2.71
N VAL A 56 27.38 -13.67 -2.03
CA VAL A 56 27.89 -12.90 -0.92
C VAL A 56 28.54 -11.58 -1.36
N VAL A 57 28.22 -10.48 -0.71
CA VAL A 57 28.92 -9.24 -1.00
C VAL A 57 29.87 -8.85 0.12
N SER A 58 29.42 -8.96 1.36
CA SER A 58 30.33 -8.75 2.42
C SER A 58 29.73 -9.19 3.71
N ARG A 59 30.47 -8.99 4.77
CA ARG A 59 30.10 -9.67 6.02
C ARG A 59 30.45 -8.75 7.21
N ARG A 60 29.48 -8.37 8.04
CA ARG A 60 29.78 -7.36 9.04
C ARG A 60 29.28 -7.76 10.42
N ASP A 61 29.94 -7.24 11.46
CA ASP A 61 29.38 -7.21 12.80
C ASP A 61 28.68 -5.87 12.95
N THR A 62 27.76 -5.76 13.88
CA THR A 62 26.75 -4.76 13.88
C THR A 62 26.19 -4.78 15.26
N PHE A 63 25.62 -3.66 15.71
CA PHE A 63 25.02 -3.59 17.01
C PHE A 63 23.97 -4.65 17.28
N ALA A 64 23.56 -5.38 16.27
CA ALA A 64 22.51 -6.40 16.41
C ALA A 64 23.08 -7.75 16.05
N GLY A 65 24.39 -7.79 15.87
CA GLY A 65 25.00 -9.06 15.54
C GLY A 65 25.45 -9.13 14.10
N HIS A 66 25.84 -10.31 13.66
CA HIS A 66 26.45 -10.42 12.38
C HIS A 66 25.49 -10.45 11.24
N ILE A 67 25.73 -9.62 10.25
CA ILE A 67 25.00 -9.79 9.00
C ILE A 67 25.92 -10.32 7.90
N THR A 68 25.38 -11.14 7.04
CA THR A 68 26.13 -11.37 5.82
C THR A 68 25.26 -10.70 4.72
N LEU A 69 25.77 -9.67 4.03
CA LEU A 69 25.00 -9.01 2.94
C LEU A 69 25.02 -9.80 1.65
N LEU A 70 23.85 -10.21 1.15
CA LEU A 70 23.75 -10.88 -0.18
C LEU A 70 23.23 -9.99 -1.27
N PHE A 71 23.56 -10.34 -2.49
CA PHE A 71 22.99 -9.58 -3.66
C PHE A 71 22.55 -10.48 -4.78
N GLY A 72 21.36 -10.28 -5.31
CA GLY A 72 20.91 -11.17 -6.41
C GLY A 72 19.99 -10.40 -7.29
N HIS A 73 19.27 -11.09 -8.15
CA HIS A 73 18.34 -10.40 -9.06
C HIS A 73 16.99 -11.01 -8.89
N TYR A 74 15.98 -10.21 -9.11
CA TYR A 74 14.67 -10.79 -9.14
C TYR A 74 13.79 -10.02 -10.14
N ASN A 75 13.35 -10.67 -11.23
CA ASN A 75 12.53 -9.96 -12.22
C ASN A 75 13.31 -8.83 -12.88
N GLY A 76 14.61 -9.06 -13.05
CA GLY A 76 15.53 -8.08 -13.66
C GLY A 76 15.91 -6.89 -12.78
N VAL A 77 15.52 -6.89 -11.49
CA VAL A 77 16.04 -5.89 -10.60
C VAL A 77 16.97 -6.40 -9.52
N GLY A 78 17.96 -5.57 -9.18
CA GLY A 78 18.98 -5.91 -8.20
C GLY A 78 18.44 -5.90 -6.77
N ILE A 79 18.53 -7.04 -6.10
CA ILE A 79 17.99 -7.14 -4.77
C ILE A 79 19.11 -7.42 -3.80
N TYR A 80 19.29 -6.56 -2.78
CA TYR A 80 20.19 -6.88 -1.68
C TYR A 80 19.43 -7.58 -0.53
N LEU A 81 19.99 -8.69 0.01
CA LEU A 81 19.38 -9.31 1.24
C LEU A 81 20.18 -9.14 2.52
N ILE A 82 19.54 -8.75 3.61
CA ILE A 82 20.27 -8.73 4.88
C ILE A 82 20.17 -10.12 5.47
N ASP A 83 21.21 -10.92 5.26
CA ASP A 83 21.11 -12.25 5.86
C ASP A 83 21.65 -12.29 7.29
N ALA A 84 20.70 -12.35 8.26
CA ALA A 84 20.96 -12.35 9.70
C ALA A 84 19.93 -13.29 10.29
N PRO A 85 20.19 -14.58 10.22
CA PRO A 85 19.08 -15.53 10.57
C PRO A 85 18.59 -15.44 12.00
N HIS A 86 19.44 -14.99 12.92
CA HIS A 86 19.02 -14.91 14.30
C HIS A 86 18.03 -13.84 14.46
N LEU A 87 17.90 -12.97 13.47
CA LEU A 87 16.87 -11.92 13.52
C LEU A 87 15.69 -12.20 12.59
N TYR A 88 16.00 -12.74 11.39
CA TYR A 88 15.04 -12.73 10.34
C TYR A 88 14.56 -14.10 9.97
N ASP A 89 15.29 -15.16 10.36
CA ASP A 89 14.85 -16.50 9.89
C ASP A 89 13.65 -16.97 10.71
N ARG A 90 12.49 -16.39 10.48
CA ARG A 90 11.31 -16.74 11.26
C ARG A 90 10.12 -16.77 10.29
N PRO A 91 9.27 -17.80 10.45
CA PRO A 91 8.19 -17.96 9.40
C PRO A 91 7.06 -16.91 9.54
N GLY A 92 6.42 -16.60 8.41
CA GLY A 92 5.16 -15.83 8.43
C GLY A 92 5.42 -14.34 8.34
N SER A 93 4.88 -13.58 9.31
CA SER A 93 4.87 -12.12 9.18
C SER A 93 6.25 -11.52 9.46
N PRO A 94 6.63 -10.52 8.64
CA PRO A 94 7.78 -9.68 8.96
C PRO A 94 7.68 -9.19 10.39
N TYR A 95 6.46 -8.78 10.80
CA TYR A 95 6.29 -7.95 11.97
C TYR A 95 5.98 -8.64 13.31
N HIS A 96 5.33 -9.81 13.30
CA HIS A 96 4.86 -10.38 14.55
C HIS A 96 4.76 -11.88 14.50
N ASP A 97 4.84 -12.55 15.66
CA ASP A 97 4.76 -14.03 15.72
C ASP A 97 3.38 -14.53 15.25
N THR A 98 3.16 -15.86 15.26
CA THR A 98 1.83 -16.44 14.84
C THR A 98 0.62 -16.17 15.76
N ASN A 99 0.81 -15.91 17.05
CA ASN A 99 -0.30 -15.30 17.82
C ASN A 99 -0.25 -13.77 17.87
N LEU A 100 0.05 -13.16 16.72
CA LEU A 100 -0.06 -11.70 16.48
C LEU A 100 0.65 -10.67 17.41
N PHE A 101 1.70 -11.08 18.13
CA PHE A 101 2.49 -10.15 18.94
C PHE A 101 3.78 -9.69 18.30
N ALA A 102 4.05 -8.40 18.36
CA ALA A 102 5.31 -7.87 17.83
C ALA A 102 6.47 -8.69 18.37
N TYR A 103 7.47 -9.01 17.56
CA TYR A 103 8.59 -9.70 18.13
C TYR A 103 9.22 -8.73 19.10
N THR A 104 9.63 -9.24 20.25
CA THR A 104 10.18 -8.39 21.27
C THR A 104 11.46 -7.78 20.85
N ASP A 105 12.13 -8.34 19.84
CA ASP A 105 13.36 -7.73 19.34
C ASP A 105 13.14 -6.90 18.03
N ASN A 106 11.88 -6.65 17.63
CA ASN A 106 11.67 -5.67 16.55
C ASN A 106 12.58 -4.45 16.51
N VAL A 107 12.98 -3.92 17.66
CA VAL A 107 13.68 -2.65 17.63
C VAL A 107 15.03 -2.91 16.98
N LEU A 108 15.64 -4.04 17.31
CA LEU A 108 16.87 -4.42 16.66
C LEU A 108 16.68 -4.84 15.17
N ARG A 109 15.64 -5.67 14.91
CA ARG A 109 15.32 -6.15 13.60
C ARG A 109 15.21 -5.01 12.57
N PHE A 110 14.52 -3.92 12.94
CA PHE A 110 14.35 -2.81 12.04
C PHE A 110 15.41 -1.71 12.13
N ALA A 111 15.97 -1.48 13.31
CA ALA A 111 17.11 -0.62 13.37
C ALA A 111 18.16 -1.18 12.39
N LEU A 112 18.36 -2.49 12.38
CA LEU A 112 19.43 -3.02 11.54
C LEU A 112 19.16 -2.69 10.04
N LEU A 113 17.89 -2.87 9.59
CA LEU A 113 17.51 -2.62 8.24
C LEU A 113 17.88 -1.17 7.89
N GLY A 114 17.44 -0.27 8.74
CA GLY A 114 17.86 1.13 8.57
C GLY A 114 19.36 1.26 8.51
N TRP A 115 20.06 0.59 9.41
CA TRP A 115 21.51 0.74 9.52
C TRP A 115 22.16 0.24 8.20
N VAL A 116 21.74 -0.93 7.73
CA VAL A 116 22.39 -1.43 6.54
C VAL A 116 22.11 -0.46 5.38
N GLY A 117 20.87 0.01 5.26
CA GLY A 117 20.55 0.95 4.24
C GLY A 117 21.51 2.13 4.30
N ALA A 118 21.80 2.67 5.48
CA ALA A 118 22.76 3.80 5.52
C ALA A 118 24.19 3.32 5.22
N GLU A 119 24.59 2.14 5.69
CA GLU A 119 25.95 1.68 5.35
C GLU A 119 26.22 1.55 3.86
N MET A 120 25.17 1.34 3.08
CA MET A 120 25.41 1.13 1.67
C MET A 120 25.92 2.49 1.08
N ALA A 121 25.53 3.61 1.71
CA ALA A 121 25.96 4.90 1.22
C ALA A 121 27.45 5.11 1.41
N SER A 122 28.05 4.22 2.19
CA SER A 122 29.45 4.38 2.61
C SER A 122 30.29 3.22 2.12
N GLY A 123 29.76 2.38 1.24
CA GLY A 123 30.63 1.40 0.61
C GLY A 123 30.56 -0.01 1.14
N LEU A 124 29.51 -0.34 1.90
CA LEU A 124 29.27 -1.72 2.28
C LEU A 124 29.41 -2.66 1.08
N ASP A 125 28.97 -2.23 -0.12
CA ASP A 125 29.17 -2.94 -1.37
C ASP A 125 30.30 -2.20 -2.00
N PRO A 126 31.45 -2.88 -2.11
CA PRO A 126 32.62 -2.14 -2.65
C PRO A 126 32.39 -1.73 -4.10
N PHE A 127 31.42 -2.41 -4.79
CA PHE A 127 31.14 -2.19 -6.24
C PHE A 127 29.95 -1.31 -6.60
N TRP A 128 29.16 -0.87 -5.63
CA TRP A 128 27.96 -0.08 -5.95
C TRP A 128 27.57 0.71 -4.70
N ARG A 129 27.28 1.98 -4.86
CA ARG A 129 27.04 2.87 -3.74
C ARG A 129 25.85 3.82 -4.15
N PRO A 130 24.75 3.90 -3.40
CA PRO A 130 23.68 4.75 -3.98
C PRO A 130 23.93 6.21 -3.76
N ASP A 131 23.31 7.05 -4.59
CA ASP A 131 23.37 8.50 -4.41
C ASP A 131 22.21 8.89 -3.53
N VAL A 132 21.12 8.13 -3.58
CA VAL A 132 20.00 8.42 -2.79
C VAL A 132 19.57 7.13 -2.13
N VAL A 133 19.27 7.19 -0.83
CA VAL A 133 18.74 6.10 -0.08
C VAL A 133 17.28 6.43 0.07
N HIS A 134 16.43 5.55 -0.40
CA HIS A 134 15.03 5.84 -0.38
C HIS A 134 14.32 4.90 0.59
N ALA A 135 13.80 5.48 1.67
CA ALA A 135 13.32 4.64 2.73
C ALA A 135 11.79 4.63 2.75
N HIS A 136 11.16 3.49 3.09
CA HIS A 136 9.72 3.32 3.04
C HIS A 136 9.15 2.90 4.39
N ASP A 137 8.26 3.75 4.92
CA ASP A 137 7.58 3.51 6.15
C ASP A 137 8.50 3.32 7.38
N TRP A 138 7.88 3.14 8.55
CA TRP A 138 8.66 3.12 9.80
C TRP A 138 9.76 2.06 9.80
N HIS A 139 9.56 0.93 9.10
CA HIS A 139 10.54 -0.12 9.21
C HIS A 139 11.88 0.35 8.80
N ALA A 140 11.96 1.30 7.87
CA ALA A 140 13.23 1.74 7.32
C ALA A 140 13.51 3.14 7.81
N GLY A 141 12.74 3.58 8.81
CA GLY A 141 12.78 4.95 9.26
C GLY A 141 14.09 5.43 9.87
N LEU A 142 14.91 4.53 10.42
CA LEU A 142 16.17 5.00 10.96
C LEU A 142 17.22 5.30 9.88
N ALA A 143 16.94 4.92 8.64
CA ALA A 143 18.02 5.03 7.63
C ALA A 143 18.44 6.50 7.49
N PRO A 144 17.49 7.42 7.35
CA PRO A 144 17.97 8.78 7.34
C PRO A 144 18.71 9.16 8.64
N ALA A 145 18.28 8.65 9.80
CA ALA A 145 18.95 9.01 11.06
C ALA A 145 20.39 8.45 11.03
N TYR A 146 20.56 7.19 10.64
CA TYR A 146 21.95 6.71 10.54
C TYR A 146 22.78 7.56 9.58
N LEU A 147 22.16 7.96 8.47
CA LEU A 147 22.81 8.82 7.49
C LEU A 147 23.15 10.21 8.10
N ALA A 148 22.25 10.83 8.83
CA ALA A 148 22.59 12.13 9.45
C ALA A 148 23.83 12.00 10.45
N ALA A 149 23.78 10.99 11.32
CA ALA A 149 24.87 10.68 12.19
C ALA A 149 26.19 10.52 11.44
N ARG A 150 26.23 10.23 10.15
CA ARG A 150 27.54 9.99 9.52
C ARG A 150 27.92 11.19 8.68
N GLY A 151 27.16 12.27 8.80
CA GLY A 151 27.42 13.42 7.94
C GLY A 151 26.90 13.29 6.52
N ARG A 152 25.80 12.53 6.35
CA ARG A 152 25.03 12.48 5.12
C ARG A 152 25.84 12.14 3.89
N PRO A 153 26.57 11.01 3.89
CA PRO A 153 27.28 10.61 2.66
C PRO A 153 26.36 10.37 1.44
N ALA A 154 25.03 10.37 1.61
CA ALA A 154 24.13 10.32 0.48
C ALA A 154 22.89 11.03 0.85
N LYS A 155 22.15 11.52 -0.13
CA LYS A 155 20.95 12.27 0.15
C LYS A 155 19.87 11.21 0.44
N SER A 156 18.85 11.54 1.23
CA SER A 156 17.86 10.53 1.59
C SER A 156 16.45 11.00 1.31
N VAL A 157 15.56 10.06 0.94
CA VAL A 157 14.15 10.37 0.86
C VAL A 157 13.41 9.31 1.59
N PHE A 158 12.40 9.77 2.33
CA PHE A 158 11.58 8.91 3.18
C PHE A 158 10.19 9.02 2.68
N THR A 159 9.57 7.88 2.40
CA THR A 159 8.23 8.00 1.92
C THR A 159 7.27 7.28 2.85
N VAL A 160 6.18 7.94 3.11
CA VAL A 160 5.26 7.43 4.06
C VAL A 160 4.19 6.78 3.28
N HIS A 161 4.06 5.50 3.54
CA HIS A 161 2.98 4.77 3.01
C HIS A 161 1.90 4.80 3.97
N ASN A 162 2.16 5.10 5.23
CA ASN A 162 1.02 5.15 6.17
C ASN A 162 1.42 5.67 7.53
N LEU A 163 0.83 6.80 7.92
CA LEU A 163 1.31 7.58 9.05
C LEU A 163 0.79 7.00 10.33
N ALA A 164 -0.10 6.04 10.23
CA ALA A 164 -0.72 5.56 11.41
C ALA A 164 0.20 4.59 12.18
N TYR A 165 1.25 4.07 11.53
CA TYR A 165 2.12 3.07 12.17
C TYR A 165 3.44 3.72 12.46
N GLN A 166 3.74 3.88 13.76
CA GLN A 166 4.72 4.88 14.18
C GLN A 166 6.06 4.33 14.62
N GLY A 167 6.13 2.99 14.77
CA GLY A 167 7.36 2.33 15.18
C GLY A 167 7.90 2.87 16.51
N MET A 168 7.09 2.74 17.54
CA MET A 168 7.37 3.17 18.89
C MET A 168 8.15 2.15 19.69
N PHE A 169 9.27 2.60 20.24
CA PHE A 169 10.01 1.75 21.15
C PHE A 169 10.44 2.54 22.35
N TYR A 170 10.59 1.81 23.45
CA TYR A 170 11.01 2.37 24.74
C TYR A 170 12.31 3.18 24.62
N ALA A 171 12.36 4.26 25.35
CA ALA A 171 13.48 5.19 25.22
C ALA A 171 14.81 4.55 25.54
N HIS A 172 14.83 3.62 26.51
CA HIS A 172 16.10 2.99 26.87
C HIS A 172 16.85 2.47 25.68
N HIS A 173 16.07 2.07 24.67
CA HIS A 173 16.64 1.35 23.50
C HIS A 173 17.60 2.22 22.75
N MET A 174 17.64 3.52 23.05
CA MET A 174 18.67 4.44 22.53
C MET A 174 20.04 3.88 22.77
N ASN A 175 20.08 2.91 23.65
CA ASN A 175 21.30 2.30 24.14
C ASN A 175 21.78 1.13 23.25
N ASP A 176 20.80 0.49 22.59
CA ASP A 176 21.01 -0.69 21.77
C ASP A 176 21.16 -0.42 20.28
N ILE A 177 20.89 0.79 19.79
CA ILE A 177 20.80 1.02 18.36
C ILE A 177 21.92 1.87 17.75
N GLN A 178 22.95 2.21 18.51
CA GLN A 178 24.09 3.01 18.03
C GLN A 178 23.79 4.35 17.37
N LEU A 179 22.88 5.13 17.89
CA LEU A 179 22.81 6.49 17.46
C LEU A 179 23.26 7.44 18.58
N PRO A 180 23.87 8.57 18.23
CA PRO A 180 24.08 9.67 19.14
C PRO A 180 22.91 9.86 20.05
N TRP A 181 23.15 9.81 21.36
CA TRP A 181 22.14 10.08 22.42
C TRP A 181 21.52 11.45 22.22
N SER A 182 22.19 12.33 21.49
CA SER A 182 21.61 13.64 21.29
C SER A 182 20.37 13.64 20.36
N PHE A 183 20.16 12.51 19.69
CA PHE A 183 19.17 12.44 18.63
C PHE A 183 17.87 12.18 19.31
N PHE A 184 17.94 11.83 20.59
CA PHE A 184 16.70 11.59 21.30
C PHE A 184 16.15 12.91 21.81
N ASN A 185 15.40 13.63 20.98
CA ASN A 185 15.03 15.02 21.23
C ASN A 185 13.80 15.29 20.36
N ILE A 186 12.93 16.23 20.75
CA ILE A 186 11.84 16.52 19.86
C ILE A 186 12.33 17.01 18.49
N HIS A 187 13.52 17.57 18.42
CA HIS A 187 14.13 17.92 17.16
C HIS A 187 15.00 16.74 16.87
N GLY A 188 14.33 15.67 16.46
CA GLY A 188 14.97 14.38 16.23
C GLY A 188 13.92 13.30 16.42
N LEU A 189 14.33 12.15 16.94
CA LEU A 189 13.45 11.00 16.88
C LEU A 189 12.57 10.78 18.08
N GLU A 190 12.47 11.75 18.94
CA GLU A 190 11.74 11.48 20.14
C GLU A 190 10.32 11.78 19.88
N PHE A 191 9.42 10.99 20.41
CA PHE A 191 8.05 11.30 20.13
C PHE A 191 7.27 10.84 21.29
N ASN A 192 6.62 11.81 21.97
CA ASN A 192 5.71 11.54 23.08
C ASN A 192 6.42 10.53 24.06
N GLY A 193 7.68 10.84 24.39
CA GLY A 193 8.41 10.07 25.38
C GLY A 193 9.05 8.78 24.93
N GLN A 194 8.68 8.26 23.76
CA GLN A 194 9.37 7.04 23.28
C GLN A 194 10.27 7.38 22.12
N ILE A 195 10.98 6.37 21.63
CA ILE A 195 11.59 6.44 20.30
C ILE A 195 10.53 6.19 19.23
N SER A 196 10.52 7.05 18.20
CA SER A 196 9.71 6.76 17.00
C SER A 196 10.48 6.57 15.69
N PHE A 197 10.41 5.35 15.15
CA PHE A 197 11.07 5.11 13.86
C PHE A 197 10.44 5.98 12.77
N LEU A 198 9.12 6.20 12.82
CA LEU A 198 8.46 7.07 11.87
C LEU A 198 9.02 8.46 12.01
N LYS A 199 8.99 8.98 13.22
CA LYS A 199 9.54 10.31 13.47
C LYS A 199 10.97 10.39 12.98
N ALA A 200 11.77 9.33 13.22
CA ALA A 200 13.12 9.38 12.71
C ALA A 200 13.17 9.58 11.20
N GLY A 201 12.33 8.86 10.45
CA GLY A 201 12.29 9.05 9.02
C GLY A 201 11.89 10.46 8.68
N LEU A 202 10.78 10.94 9.26
CA LEU A 202 10.26 12.30 8.89
C LEU A 202 11.26 13.40 9.25
N TYR A 203 11.98 13.23 10.36
CA TYR A 203 12.83 14.30 10.80
C TYR A 203 14.15 14.35 10.04
N TYR A 204 14.78 13.21 9.85
CA TYR A 204 16.14 13.23 9.37
C TYR A 204 16.27 13.19 7.86
N ALA A 205 15.20 12.93 7.11
CA ALA A 205 15.37 12.78 5.65
C ALA A 205 15.59 14.12 4.98
N ASP A 206 16.40 14.13 3.92
CA ASP A 206 16.43 15.29 3.05
C ASP A 206 15.05 15.66 2.52
N HIS A 207 14.17 14.69 2.17
CA HIS A 207 12.84 14.97 1.57
C HIS A 207 11.90 13.86 1.96
N ILE A 208 10.65 14.25 2.16
CA ILE A 208 9.61 13.34 2.50
C ILE A 208 8.55 13.27 1.36
N THR A 209 8.07 12.08 1.03
CA THR A 209 7.06 11.88 -0.01
C THR A 209 5.98 11.14 0.65
N ALA A 210 4.74 11.48 0.36
CA ALA A 210 3.64 10.58 0.65
C ALA A 210 3.19 10.00 -0.70
N VAL A 211 2.40 8.96 -0.61
CA VAL A 211 2.12 8.06 -1.71
C VAL A 211 0.86 8.50 -2.52
N SER A 212 0.41 9.75 -2.28
CA SER A 212 -0.57 10.45 -3.11
C SER A 212 -0.51 11.92 -2.82
N PRO A 213 -0.82 12.77 -3.80
CA PRO A 213 -0.83 14.22 -3.59
C PRO A 213 -1.73 14.64 -2.45
N THR A 214 -2.98 14.16 -2.36
CA THR A 214 -3.77 14.70 -1.28
C THR A 214 -3.35 14.22 0.10
N TYR A 215 -2.82 12.99 0.20
CA TYR A 215 -2.34 12.53 1.52
C TYR A 215 -1.15 13.37 1.94
N ALA A 216 -0.27 13.76 1.02
CA ALA A 216 0.79 14.67 1.39
C ALA A 216 0.22 15.92 2.05
N ARG A 217 -1.02 16.30 1.71
CA ARG A 217 -1.56 17.48 2.36
C ARG A 217 -2.23 17.08 3.65
N GLU A 218 -3.07 16.06 3.61
CA GLU A 218 -3.73 15.61 4.80
C GLU A 218 -2.75 15.41 6.01
N ILE A 219 -1.52 14.98 5.78
CA ILE A 219 -0.66 14.69 6.91
C ILE A 219 -0.11 15.97 7.53
N THR A 220 -0.51 17.13 7.00
CA THR A 220 -0.11 18.34 7.68
C THR A 220 -1.23 18.76 8.60
N GLU A 221 -2.35 18.03 8.56
CA GLU A 221 -3.46 18.22 9.51
C GLU A 221 -3.45 17.27 10.76
N PRO A 222 -3.97 17.74 11.90
CA PRO A 222 -3.93 16.81 13.06
C PRO A 222 -4.78 15.61 12.86
N GLN A 223 -5.86 15.72 12.10
CA GLN A 223 -6.73 14.58 11.92
C GLN A 223 -5.97 13.37 11.32
N PHE A 224 -4.89 13.62 10.56
CA PHE A 224 -4.19 12.53 9.85
C PHE A 224 -2.79 12.32 10.31
N ALA A 225 -2.30 13.25 11.12
CA ALA A 225 -0.90 13.27 11.47
C ALA A 225 -0.66 12.78 12.88
N TYR A 226 -1.74 12.65 13.63
CA TYR A 226 -1.65 12.01 14.96
C TYR A 226 -0.57 12.54 15.89
N GLY A 227 -0.22 13.83 15.81
CA GLY A 227 0.81 14.39 16.66
C GLY A 227 1.99 14.85 15.85
N MET A 228 2.10 14.51 14.57
CA MET A 228 3.32 14.88 13.84
C MET A 228 3.18 16.10 12.95
N GLU A 229 2.03 16.74 13.08
CA GLU A 229 1.67 17.75 12.10
C GLU A 229 2.59 18.98 12.19
N GLY A 230 3.02 19.29 13.42
CA GLY A 230 4.08 20.26 13.69
C GLY A 230 5.27 20.06 12.78
N LEU A 231 5.90 18.85 12.82
CA LEU A 231 7.06 18.52 11.93
C LEU A 231 6.67 18.67 10.46
N LEU A 232 5.46 18.19 10.13
CA LEU A 232 5.07 18.07 8.72
C LEU A 232 4.81 19.43 8.11
N GLN A 233 4.20 20.34 8.90
CA GLN A 233 3.95 21.70 8.48
C GLN A 233 5.28 22.48 8.26
N GLN A 234 6.28 22.24 9.11
CA GLN A 234 7.57 22.92 9.00
C GLN A 234 8.28 22.44 7.76
N ARG A 235 8.18 21.12 7.60
CA ARG A 235 8.89 20.44 6.54
C ARG A 235 8.16 20.82 5.20
N HIS A 236 6.83 21.02 5.28
CA HIS A 236 6.11 21.58 4.13
C HIS A 236 6.55 22.96 3.71
N ARG A 237 6.72 23.84 4.67
CA ARG A 237 7.13 25.18 4.38
C ARG A 237 8.54 25.17 3.82
N GLU A 238 9.34 24.18 4.17
CA GLU A 238 10.70 24.22 3.68
C GLU A 238 10.75 23.69 2.26
N GLY A 239 9.59 23.30 1.74
CA GLY A 239 9.51 22.59 0.43
C GLY A 239 10.10 21.18 0.42
N ARG A 240 9.98 20.48 1.56
CA ARG A 240 10.59 19.16 1.70
C ARG A 240 9.52 18.04 1.79
N LEU A 241 8.27 18.38 1.42
CA LEU A 241 7.18 17.46 1.53
C LEU A 241 6.43 17.43 0.21
N SER A 242 6.31 16.26 -0.42
CA SER A 242 5.46 16.14 -1.63
C SER A 242 4.80 14.80 -1.76
N GLY A 243 3.80 14.74 -2.65
CA GLY A 243 3.09 13.49 -2.98
C GLY A 243 3.44 13.03 -4.38
N VAL A 244 3.52 11.73 -4.58
CA VAL A 244 3.74 11.11 -5.89
C VAL A 244 2.80 9.90 -5.85
N LEU A 245 1.77 9.94 -6.68
CA LEU A 245 0.75 8.94 -6.74
C LEU A 245 1.31 7.56 -7.21
N ASN A 246 0.88 6.43 -6.60
CA ASN A 246 1.42 5.12 -7.01
C ASN A 246 0.93 4.74 -8.33
N GLY A 247 1.68 3.93 -9.04
CA GLY A 247 1.16 3.28 -10.22
C GLY A 247 0.51 1.94 -9.88
N VAL A 248 -0.07 1.24 -10.87
CA VAL A 248 -0.35 -0.20 -10.75
C VAL A 248 0.46 -1.04 -11.73
N ASP A 249 0.83 -2.25 -11.33
CA ASP A 249 1.66 -3.15 -12.14
C ASP A 249 0.77 -3.79 -13.19
N GLU A 250 0.95 -3.46 -14.46
CA GLU A 250 0.10 -3.99 -15.51
C GLU A 250 0.38 -5.48 -15.74
N LYS A 251 1.55 -5.97 -15.34
CA LYS A 251 1.93 -7.36 -15.56
C LYS A 251 1.02 -8.19 -14.70
N ILE A 252 0.59 -7.65 -13.58
CA ILE A 252 -0.16 -8.48 -12.72
C ILE A 252 -1.62 -8.04 -12.53
N TRP A 253 -1.95 -6.76 -12.78
CA TRP A 253 -3.38 -6.29 -12.67
C TRP A 253 -3.91 -5.73 -13.96
N SER A 254 -4.23 -6.60 -14.92
CA SER A 254 -4.88 -6.19 -16.16
C SER A 254 -5.85 -7.25 -16.62
N PRO A 255 -7.15 -6.88 -16.79
CA PRO A 255 -8.12 -7.91 -17.23
C PRO A 255 -7.86 -8.42 -18.66
N GLU A 256 -7.00 -7.73 -19.38
CA GLU A 256 -6.78 -8.09 -20.78
C GLU A 256 -5.87 -9.33 -20.89
N THR A 257 -5.22 -9.63 -19.76
CA THR A 257 -4.03 -10.38 -19.67
C THR A 257 -4.06 -11.33 -18.52
N ASP A 258 -5.02 -11.15 -17.62
CA ASP A 258 -5.01 -11.80 -16.32
C ASP A 258 -5.35 -13.28 -16.43
N LEU A 259 -4.29 -14.09 -16.23
CA LEU A 259 -4.40 -15.52 -16.23
C LEU A 259 -5.17 -16.09 -15.05
N LEU A 260 -5.50 -15.33 -14.00
CA LEU A 260 -6.26 -15.94 -12.87
C LEU A 260 -7.72 -15.87 -13.13
N LEU A 261 -8.13 -15.30 -14.24
CA LEU A 261 -9.55 -15.04 -14.41
C LEU A 261 -10.17 -16.11 -15.30
N ALA A 262 -11.41 -16.46 -14.98
CA ALA A 262 -12.19 -17.40 -15.80
C ALA A 262 -12.16 -16.97 -17.23
N SER A 263 -12.41 -15.68 -17.45
CA SER A 263 -12.41 -15.03 -18.77
C SER A 263 -11.66 -13.67 -18.81
N ARG A 264 -10.77 -13.45 -19.79
CA ARG A 264 -10.13 -12.15 -19.95
C ARG A 264 -11.09 -11.21 -20.69
N TYR A 265 -10.88 -9.89 -20.61
CA TYR A 265 -11.74 -8.90 -21.28
C TYR A 265 -11.07 -7.53 -21.40
N THR A 266 -11.72 -6.63 -22.14
CA THR A 266 -11.12 -5.34 -22.46
C THR A 266 -12.15 -4.27 -22.36
N ARG A 267 -11.68 -3.01 -22.31
CA ARG A 267 -12.55 -1.85 -22.22
C ARG A 267 -13.64 -1.90 -23.31
N ASP A 268 -13.37 -2.63 -24.41
CA ASP A 268 -14.29 -2.62 -25.55
C ASP A 268 -15.08 -3.91 -25.65
N THR A 269 -14.78 -4.86 -24.78
CA THR A 269 -15.48 -6.13 -24.82
C THR A 269 -15.96 -6.52 -23.39
N LEU A 270 -16.54 -5.54 -22.69
CA LEU A 270 -16.96 -5.79 -21.33
C LEU A 270 -17.98 -6.94 -21.26
N GLU A 271 -18.70 -7.21 -22.35
CA GLU A 271 -19.53 -8.44 -22.41
C GLU A 271 -18.73 -9.67 -21.92
N ASP A 272 -17.44 -9.75 -22.22
CA ASP A 272 -16.67 -10.90 -21.73
C ASP A 272 -16.42 -10.98 -20.22
N LYS A 273 -16.84 -10.00 -19.42
CA LYS A 273 -16.62 -10.03 -17.97
C LYS A 273 -17.75 -10.87 -17.33
N ALA A 274 -18.90 -10.99 -18.02
CA ALA A 274 -20.12 -11.67 -17.45
C ALA A 274 -19.84 -13.01 -16.77
N GLU A 275 -19.07 -13.82 -17.51
CA GLU A 275 -18.67 -15.11 -17.09
C GLU A 275 -17.88 -15.08 -15.76
N ASN A 276 -17.04 -14.06 -15.54
CA ASN A 276 -16.29 -13.95 -14.29
C ASN A 276 -17.28 -13.69 -13.18
N LYS A 277 -18.34 -12.97 -13.51
CA LYS A 277 -19.41 -12.71 -12.54
C LYS A 277 -20.14 -14.01 -12.11
N ARG A 278 -20.64 -14.81 -13.08
CA ARG A 278 -21.26 -16.10 -12.77
C ARG A 278 -20.32 -16.90 -11.86
N GLN A 279 -19.10 -17.09 -12.31
CA GLN A 279 -18.19 -17.87 -11.51
C GLN A 279 -17.92 -17.39 -10.08
N LEU A 280 -17.86 -16.08 -9.90
CA LEU A 280 -17.72 -15.51 -8.57
C LEU A 280 -18.99 -15.79 -7.76
N GLN A 281 -20.15 -15.54 -8.35
CA GLN A 281 -21.39 -15.84 -7.68
C GLN A 281 -21.46 -17.31 -7.17
N ILE A 282 -21.18 -18.25 -8.08
CA ILE A 282 -21.02 -19.65 -7.69
C ILE A 282 -20.00 -19.84 -6.56
N ALA A 283 -18.79 -19.30 -6.72
CA ALA A 283 -17.73 -19.66 -5.76
C ALA A 283 -18.05 -19.17 -4.36
N MET A 284 -18.75 -18.03 -4.28
CA MET A 284 -19.14 -17.38 -3.03
C MET A 284 -20.46 -17.95 -2.54
N GLY A 285 -21.19 -18.62 -3.43
CA GLY A 285 -22.43 -19.25 -3.03
C GLY A 285 -23.56 -18.25 -3.04
N LEU A 286 -23.64 -17.43 -4.09
CA LEU A 286 -24.71 -16.43 -4.18
C LEU A 286 -25.68 -16.88 -5.24
N LYS A 287 -26.88 -16.32 -5.19
CA LYS A 287 -27.82 -16.61 -6.26
C LYS A 287 -27.10 -16.18 -7.53
N VAL A 288 -27.08 -17.03 -8.55
CA VAL A 288 -26.48 -16.63 -9.81
C VAL A 288 -27.47 -15.71 -10.58
N ASP A 289 -27.18 -14.42 -10.68
CA ASP A 289 -28.17 -13.49 -11.21
C ASP A 289 -27.45 -12.33 -11.84
N ASP A 290 -27.75 -12.07 -13.10
CA ASP A 290 -27.03 -11.03 -13.81
C ASP A 290 -27.79 -9.72 -13.78
N LYS A 291 -28.91 -9.71 -13.08
CA LYS A 291 -29.79 -8.55 -13.16
C LYS A 291 -29.55 -7.62 -11.93
N VAL A 292 -28.57 -7.98 -11.16
CA VAL A 292 -28.43 -7.48 -9.84
C VAL A 292 -26.96 -7.01 -9.64
N PRO A 293 -26.77 -5.88 -8.93
CA PRO A 293 -25.39 -5.41 -8.76
C PRO A 293 -24.63 -6.18 -7.64
N LEU A 294 -23.40 -6.56 -7.89
CA LEU A 294 -22.68 -7.30 -6.92
C LEU A 294 -21.61 -6.38 -6.40
N PHE A 295 -21.65 -6.05 -5.11
CA PHE A 295 -20.63 -5.17 -4.56
C PHE A 295 -19.58 -6.01 -3.95
N ALA A 296 -18.38 -5.48 -3.78
CA ALA A 296 -17.31 -6.35 -3.35
C ALA A 296 -16.40 -5.64 -2.37
N VAL A 297 -15.73 -6.40 -1.50
CA VAL A 297 -14.71 -5.82 -0.67
C VAL A 297 -13.49 -6.69 -0.75
N VAL A 298 -12.30 -6.12 -0.92
CA VAL A 298 -11.09 -6.89 -0.75
C VAL A 298 -10.22 -6.00 0.13
N SER A 299 -10.08 -6.32 1.42
CA SER A 299 -9.18 -5.53 2.24
C SER A 299 -8.83 -6.07 3.60
N ARG A 300 -7.71 -5.58 4.16
CA ARG A 300 -7.46 -5.68 5.60
C ARG A 300 -8.68 -5.11 6.32
N LEU A 301 -9.10 -5.77 7.39
CA LEU A 301 -10.23 -5.29 8.19
C LEU A 301 -9.71 -4.54 9.43
N THR A 302 -9.60 -3.21 9.39
CA THR A 302 -9.08 -2.46 10.53
C THR A 302 -9.85 -1.17 10.44
N SER A 303 -9.82 -0.33 11.49
CA SER A 303 -10.70 0.88 11.48
C SER A 303 -10.44 1.85 10.29
N GLN A 304 -9.15 2.01 9.93
CA GLN A 304 -8.76 2.68 8.71
C GLN A 304 -9.75 2.51 7.58
N LYS A 305 -10.31 1.32 7.40
CA LYS A 305 -10.94 1.00 6.15
C LYS A 305 -12.43 1.28 6.11
N GLY A 306 -13.00 1.65 7.25
CA GLY A 306 -14.43 1.93 7.29
C GLY A 306 -15.38 0.77 7.07
N LEU A 307 -14.93 -0.45 7.27
CA LEU A 307 -15.76 -1.56 6.93
C LEU A 307 -16.95 -1.79 7.85
N ASP A 308 -16.88 -1.21 9.02
CA ASP A 308 -17.96 -1.35 9.97
C ASP A 308 -19.17 -0.54 9.47
N LEU A 309 -18.90 0.46 8.62
CA LEU A 309 -19.97 1.16 7.92
C LEU A 309 -20.60 0.27 6.88
N VAL A 310 -19.79 -0.56 6.22
CA VAL A 310 -20.37 -1.49 5.25
C VAL A 310 -21.35 -2.37 6.03
N LEU A 311 -20.87 -2.87 7.18
CA LEU A 311 -21.68 -3.75 8.01
C LEU A 311 -22.96 -3.05 8.39
N GLU A 312 -22.79 -1.88 8.95
CA GLU A 312 -23.91 -1.05 9.27
C GLU A 312 -24.88 -0.83 8.08
N ALA A 313 -24.38 -0.68 6.86
CA ALA A 313 -25.27 -0.34 5.74
C ALA A 313 -25.78 -1.53 4.97
N LEU A 314 -25.37 -2.70 5.38
CA LEU A 314 -25.67 -3.86 4.57
C LEU A 314 -27.20 -4.07 4.39
N PRO A 315 -27.98 -3.96 5.51
CA PRO A 315 -29.40 -4.19 5.33
C PRO A 315 -29.90 -3.32 4.20
N GLY A 316 -29.54 -2.03 4.19
CA GLY A 316 -30.03 -1.09 3.16
C GLY A 316 -29.64 -1.52 1.75
N LEU A 317 -28.42 -2.03 1.62
CA LEU A 317 -27.86 -2.54 0.37
C LEU A 317 -28.67 -3.75 -0.12
N LEU A 318 -29.03 -4.63 0.83
CA LEU A 318 -29.64 -5.87 0.49
C LEU A 318 -31.09 -5.61 0.10
N GLU A 319 -31.76 -4.80 0.92
CA GLU A 319 -33.08 -4.26 0.64
C GLU A 319 -33.18 -3.72 -0.77
N GLN A 320 -32.12 -3.16 -1.36
CA GLN A 320 -32.26 -2.69 -2.78
C GLN A 320 -32.02 -3.70 -3.91
N GLY A 321 -31.54 -4.89 -3.54
CA GLY A 321 -31.37 -5.98 -4.47
C GLY A 321 -29.89 -6.28 -4.63
N GLY A 322 -29.05 -5.85 -3.70
CA GLY A 322 -27.65 -5.95 -3.99
C GLY A 322 -26.98 -7.20 -3.45
N GLN A 323 -25.82 -7.59 -3.96
CA GLN A 323 -25.10 -8.67 -3.35
C GLN A 323 -23.83 -8.15 -2.75
N LEU A 324 -23.29 -8.84 -1.76
CA LEU A 324 -22.01 -8.45 -1.26
C LEU A 324 -21.01 -9.63 -1.27
N ALA A 325 -19.79 -9.44 -1.81
CA ALA A 325 -18.79 -10.49 -1.72
C ALA A 325 -17.60 -9.95 -0.94
N LEU A 326 -17.18 -10.58 0.15
CA LEU A 326 -16.13 -9.98 0.98
C LEU A 326 -14.94 -10.92 1.14
N LEU A 327 -13.73 -10.41 1.00
CA LEU A 327 -12.57 -11.18 1.25
C LEU A 327 -11.65 -10.29 2.09
N GLY A 328 -11.23 -10.74 3.26
CA GLY A 328 -10.45 -9.91 4.15
C GLY A 328 -10.11 -10.58 5.47
N ALA A 329 -9.19 -9.96 6.22
CA ALA A 329 -8.62 -10.49 7.47
C ALA A 329 -8.19 -9.36 8.43
N GLY A 330 -8.36 -9.56 9.75
CA GLY A 330 -7.93 -8.58 10.84
C GLY A 330 -8.82 -8.56 12.11
N ASP A 331 -9.31 -7.37 12.54
CA ASP A 331 -10.36 -7.17 13.61
C ASP A 331 -11.35 -8.33 13.66
N PRO A 332 -11.25 -9.13 14.76
CA PRO A 332 -12.16 -10.28 14.99
C PRO A 332 -13.60 -9.83 15.20
N VAL A 333 -13.77 -8.63 15.72
CA VAL A 333 -15.10 -8.04 15.74
C VAL A 333 -15.70 -7.97 14.30
N LEU A 334 -14.89 -7.47 13.34
CA LEU A 334 -15.32 -7.42 11.92
C LEU A 334 -15.43 -8.81 11.30
N GLN A 335 -14.36 -9.60 11.36
CA GLN A 335 -14.46 -10.98 10.88
C GLN A 335 -15.78 -11.61 11.31
N GLU A 336 -16.02 -11.57 12.63
CA GLU A 336 -17.18 -12.25 13.16
C GLU A 336 -18.46 -11.61 12.66
N GLY A 337 -18.53 -10.28 12.81
CA GLY A 337 -19.57 -9.43 12.23
C GLY A 337 -19.94 -9.83 10.79
N PHE A 338 -18.95 -9.79 9.89
CA PHE A 338 -19.17 -10.23 8.53
C PHE A 338 -19.61 -11.70 8.33
N LEU A 339 -18.89 -12.64 8.98
CA LEU A 339 -19.34 -14.06 9.03
C LEU A 339 -20.82 -14.21 9.44
N ALA A 340 -21.20 -13.57 10.56
CA ALA A 340 -22.62 -13.41 10.97
C ALA A 340 -23.53 -12.96 9.84
N ALA A 341 -23.06 -11.96 9.11
CA ALA A 341 -23.86 -11.40 8.03
C ALA A 341 -24.12 -12.44 6.91
N ALA A 342 -23.08 -13.24 6.61
CA ALA A 342 -23.17 -14.19 5.53
C ALA A 342 -24.10 -15.34 5.90
N ALA A 343 -23.99 -15.79 7.16
CA ALA A 343 -24.93 -16.76 7.75
C ALA A 343 -26.43 -16.29 7.65
N GLU A 344 -26.69 -15.10 8.20
CA GLU A 344 -28.01 -14.51 8.14
C GLU A 344 -28.56 -14.36 6.73
N TYR A 345 -27.73 -13.95 5.75
CA TYR A 345 -28.28 -13.73 4.43
C TYR A 345 -27.60 -14.57 3.36
N PRO A 346 -27.70 -15.90 3.51
CA PRO A 346 -27.00 -16.77 2.56
C PRO A 346 -27.52 -16.56 1.12
N GLY A 347 -26.66 -16.71 0.12
CA GLY A 347 -27.10 -16.42 -1.24
C GLY A 347 -27.20 -14.94 -1.59
N GLN A 348 -27.01 -14.05 -0.62
CA GLN A 348 -26.82 -12.66 -0.97
C GLN A 348 -25.64 -12.00 -0.31
N VAL A 349 -25.00 -12.68 0.63
CA VAL A 349 -23.74 -12.18 1.14
C VAL A 349 -22.83 -13.38 1.13
N GLY A 350 -21.66 -13.27 0.53
CA GLY A 350 -20.62 -14.28 0.69
C GLY A 350 -19.38 -13.66 1.34
N VAL A 351 -18.65 -14.44 2.16
CA VAL A 351 -17.59 -13.89 2.94
C VAL A 351 -16.48 -14.93 3.09
N GLN A 352 -15.27 -14.63 2.68
CA GLN A 352 -14.20 -15.53 2.98
C GLN A 352 -13.26 -14.77 3.86
N ILE A 353 -13.16 -15.15 5.14
CA ILE A 353 -12.13 -14.56 5.98
C ILE A 353 -10.76 -15.17 5.68
N GLY A 354 -9.72 -14.34 5.59
CA GLY A 354 -8.35 -14.80 5.34
C GLY A 354 -7.68 -14.03 4.21
N TYR A 355 -6.45 -14.41 3.87
CA TYR A 355 -5.74 -13.70 2.82
C TYR A 355 -5.56 -14.60 1.61
N HIS A 356 -6.25 -14.40 0.49
CA HIS A 356 -6.00 -15.25 -0.72
C HIS A 356 -5.72 -14.36 -1.99
N GLU A 357 -4.45 -14.26 -2.43
CA GLU A 357 -4.04 -13.39 -3.56
C GLU A 357 -4.85 -13.66 -4.78
N ALA A 358 -4.82 -14.90 -5.22
CA ALA A 358 -5.50 -15.24 -6.44
C ALA A 358 -7.02 -15.02 -6.40
N PHE A 359 -7.63 -15.27 -5.25
CA PHE A 359 -9.04 -15.01 -5.21
C PHE A 359 -9.41 -13.48 -5.33
N SER A 360 -8.51 -12.58 -4.90
CA SER A 360 -8.82 -11.15 -5.06
C SER A 360 -8.97 -10.85 -6.56
N HIS A 361 -8.10 -11.42 -7.39
CA HIS A 361 -8.34 -11.32 -8.84
C HIS A 361 -9.70 -11.81 -9.23
N ARG A 362 -10.09 -12.99 -8.79
CA ARG A 362 -11.38 -13.52 -9.21
C ARG A 362 -12.51 -12.57 -8.81
N ILE A 363 -12.36 -11.88 -7.66
CA ILE A 363 -13.33 -10.84 -7.23
C ILE A 363 -13.29 -9.51 -8.06
N MET A 364 -12.08 -8.96 -8.17
CA MET A 364 -11.88 -7.76 -8.95
C MET A 364 -12.44 -7.96 -10.34
N GLY A 365 -12.09 -9.10 -10.98
CA GLY A 365 -12.60 -9.47 -12.27
C GLY A 365 -14.10 -9.76 -12.31
N GLY A 366 -14.72 -10.08 -11.19
CA GLY A 366 -16.14 -10.48 -11.29
C GLY A 366 -17.14 -9.46 -10.82
N ALA A 367 -16.78 -8.64 -9.82
CA ALA A 367 -17.78 -7.75 -9.21
C ALA A 367 -18.15 -6.48 -10.06
N ASP A 368 -19.32 -5.89 -9.77
CA ASP A 368 -19.74 -4.61 -10.37
C ASP A 368 -19.23 -3.36 -9.64
N VAL A 369 -19.11 -3.39 -8.32
CA VAL A 369 -18.63 -2.24 -7.57
C VAL A 369 -17.61 -2.68 -6.52
N ILE A 370 -16.45 -2.06 -6.43
CA ILE A 370 -15.63 -2.38 -5.27
C ILE A 370 -15.79 -1.27 -4.18
N LEU A 371 -16.05 -1.65 -2.90
CA LEU A 371 -16.35 -0.66 -1.84
C LEU A 371 -15.06 -0.28 -1.10
N VAL A 372 -14.68 1.00 -1.06
CA VAL A 372 -13.45 1.34 -0.32
C VAL A 372 -13.79 2.56 0.54
N PRO A 373 -14.49 2.33 1.63
CA PRO A 373 -15.02 3.46 2.28
C PRO A 373 -14.14 3.92 3.42
N SER A 374 -12.86 4.19 3.14
CA SER A 374 -11.86 4.45 4.15
C SER A 374 -12.06 5.70 4.99
N ARG A 375 -11.80 5.57 6.28
CA ARG A 375 -11.59 6.71 7.13
C ARG A 375 -10.35 7.49 6.69
N PHE A 376 -9.26 6.82 6.34
CA PHE A 376 -8.17 7.53 5.70
C PHE A 376 -7.55 6.54 4.79
N GLU A 377 -6.85 7.02 3.75
CA GLU A 377 -6.33 6.12 2.74
C GLU A 377 -5.18 6.78 1.95
N PRO A 378 -3.92 6.52 2.40
CA PRO A 378 -2.75 7.15 1.80
C PRO A 378 -2.76 6.99 0.29
N CYS A 379 -3.09 5.81 -0.23
CA CYS A 379 -3.29 5.67 -1.68
C CYS A 379 -4.48 4.84 -2.00
N GLY A 380 -4.42 3.57 -1.61
CA GLY A 380 -5.51 2.64 -1.82
C GLY A 380 -5.30 2.08 -3.21
N LEU A 381 -4.72 0.89 -3.35
CA LEU A 381 -4.56 0.32 -4.67
C LEU A 381 -5.82 -0.38 -5.07
N THR A 382 -6.59 -0.88 -4.12
CA THR A 382 -7.72 -1.64 -4.63
C THR A 382 -8.70 -0.86 -5.55
N GLN A 383 -8.93 0.43 -5.31
CA GLN A 383 -9.83 1.12 -6.18
C GLN A 383 -9.18 1.36 -7.58
N LEU A 384 -7.86 1.48 -7.62
CA LEU A 384 -7.14 1.60 -8.85
C LEU A 384 -7.32 0.29 -9.60
N TYR A 385 -7.28 -0.85 -8.91
CA TYR A 385 -7.53 -2.10 -9.60
C TYR A 385 -8.98 -2.11 -10.12
N GLY A 386 -9.92 -1.56 -9.37
CA GLY A 386 -11.34 -1.65 -9.77
C GLY A 386 -11.55 -0.82 -11.02
N LEU A 387 -10.92 0.37 -11.04
CA LEU A 387 -10.96 1.24 -12.18
C LEU A 387 -10.54 0.42 -13.39
N LYS A 388 -9.39 -0.23 -13.30
CA LYS A 388 -8.81 -0.89 -14.44
C LYS A 388 -9.65 -2.11 -14.86
N TYR A 389 -10.40 -2.66 -13.91
CA TYR A 389 -11.13 -3.87 -14.23
C TYR A 389 -12.54 -3.43 -14.59
N GLY A 390 -12.71 -2.13 -14.68
CA GLY A 390 -14.05 -1.58 -14.86
C GLY A 390 -15.01 -2.06 -13.79
N THR A 391 -14.55 -2.18 -12.56
CA THR A 391 -15.50 -2.47 -11.54
C THR A 391 -15.47 -1.22 -10.66
N LEU A 392 -16.59 -0.50 -10.68
CA LEU A 392 -16.62 0.86 -10.27
C LEU A 392 -16.35 1.04 -8.76
N PRO A 393 -15.49 1.95 -8.40
CA PRO A 393 -15.15 2.08 -6.99
C PRO A 393 -16.11 3.01 -6.27
N LEU A 394 -16.44 2.69 -5.02
CA LEU A 394 -17.36 3.49 -4.22
C LEU A 394 -16.49 3.87 -3.02
N VAL A 395 -16.08 5.12 -2.93
CA VAL A 395 -15.05 5.48 -1.96
C VAL A 395 -15.47 6.72 -1.17
N ARG A 396 -14.73 7.01 -0.13
CA ARG A 396 -14.92 8.24 0.62
C ARG A 396 -13.86 9.23 0.07
N ARG A 397 -14.21 10.50 -0.03
CA ARG A 397 -13.31 11.49 -0.60
C ARG A 397 -12.21 11.83 0.39
N THR A 398 -11.20 10.96 0.45
CA THR A 398 -10.04 11.16 1.30
C THR A 398 -8.80 10.50 0.66
N GLY A 399 -7.64 11.10 0.96
CA GLY A 399 -6.37 10.57 0.47
C GLY A 399 -6.31 10.20 -1.02
N GLY A 400 -5.61 9.13 -1.36
CA GLY A 400 -5.50 8.74 -2.72
C GLY A 400 -6.87 8.60 -3.37
N LEU A 401 -7.91 8.25 -2.59
CA LEU A 401 -9.22 8.05 -3.22
C LEU A 401 -9.72 9.36 -3.86
N ALA A 402 -9.42 10.47 -3.20
CA ALA A 402 -9.79 11.80 -3.64
C ALA A 402 -9.02 12.13 -4.89
N ASP A 403 -7.87 11.54 -5.00
CA ASP A 403 -6.99 11.86 -6.09
C ASP A 403 -7.36 11.15 -7.39
N THR A 404 -8.16 10.09 -7.30
CA THR A 404 -8.22 9.13 -8.41
C THR A 404 -9.64 8.76 -8.83
N VAL A 405 -10.68 9.03 -8.05
CA VAL A 405 -12.01 8.61 -8.46
C VAL A 405 -12.89 9.82 -8.72
N SER A 406 -13.65 9.83 -9.81
CA SER A 406 -14.60 10.92 -9.98
C SER A 406 -16.02 10.44 -9.93
N ASP A 407 -16.79 11.20 -9.15
CA ASP A 407 -18.19 10.90 -8.88
C ASP A 407 -19.05 11.04 -10.10
N CYS A 408 -20.09 10.24 -10.11
CA CYS A 408 -21.11 10.30 -11.10
C CYS A 408 -21.99 11.53 -10.90
N SER A 409 -21.42 12.71 -10.95
CA SER A 409 -22.20 13.89 -10.76
C SER A 409 -22.63 14.32 -12.16
N LEU A 410 -23.65 15.17 -12.30
CA LEU A 410 -24.02 15.58 -13.63
C LEU A 410 -22.85 16.27 -14.37
N GLU A 411 -22.04 17.13 -13.73
CA GLU A 411 -20.93 17.72 -14.49
C GLU A 411 -20.06 16.58 -14.93
N ASN A 412 -19.76 15.67 -14.01
CA ASN A 412 -18.79 14.68 -14.40
C ASN A 412 -19.25 13.79 -15.60
N LEU A 413 -20.52 13.38 -15.59
CA LEU A 413 -21.09 12.59 -16.64
C LEU A 413 -21.01 13.44 -17.88
N ALA A 414 -21.46 14.69 -17.82
CA ALA A 414 -21.43 15.56 -19.00
C ALA A 414 -20.03 15.79 -19.50
N ASP A 415 -19.05 15.98 -18.63
CA ASP A 415 -17.69 16.15 -19.16
C ASP A 415 -17.01 14.84 -19.56
N GLY A 416 -17.70 13.69 -19.40
CA GLY A 416 -17.11 12.38 -19.69
C GLY A 416 -15.93 11.97 -18.82
N VAL A 417 -15.96 12.38 -17.56
CA VAL A 417 -14.90 12.16 -16.63
C VAL A 417 -15.39 11.32 -15.40
N ALA A 418 -16.69 11.15 -15.21
CA ALA A 418 -17.17 10.36 -14.09
C ALA A 418 -16.62 8.95 -14.13
N SER A 419 -16.07 8.45 -13.00
CA SER A 419 -15.54 7.09 -13.02
C SER A 419 -16.00 6.18 -11.91
N GLY A 420 -16.83 6.68 -10.99
CA GLY A 420 -17.29 5.85 -9.82
C GLY A 420 -18.14 6.60 -8.80
N PHE A 421 -18.07 6.24 -7.53
CA PHE A 421 -18.98 6.86 -6.57
C PHE A 421 -18.25 7.38 -5.36
N VAL A 422 -18.55 8.62 -4.99
CA VAL A 422 -17.82 9.23 -3.91
C VAL A 422 -18.80 9.74 -2.86
N PHE A 423 -18.50 9.50 -1.61
CA PHE A 423 -19.29 10.06 -0.53
C PHE A 423 -18.32 10.70 0.44
N GLU A 424 -18.87 11.53 1.29
CA GLU A 424 -18.09 12.50 1.94
C GLU A 424 -17.83 12.18 3.44
N ASP A 425 -18.84 11.86 4.24
CA ASP A 425 -18.56 11.73 5.70
C ASP A 425 -18.48 10.32 6.14
N SER A 426 -17.67 10.09 7.15
CA SER A 426 -17.55 8.75 7.69
C SER A 426 -18.76 8.19 8.42
N ASN A 427 -19.92 7.98 7.78
CA ASN A 427 -21.01 7.29 8.49
C ASN A 427 -21.89 6.56 7.54
N ALA A 428 -22.58 5.57 8.09
CA ALA A 428 -23.45 4.71 7.35
C ALA A 428 -24.41 5.47 6.47
N TRP A 429 -24.81 6.68 6.89
CA TRP A 429 -25.87 7.33 6.15
C TRP A 429 -25.26 7.88 4.85
N SER A 430 -24.15 8.57 5.02
CA SER A 430 -23.41 9.16 3.92
C SER A 430 -23.00 8.09 2.86
N LEU A 431 -22.57 6.92 3.33
CA LEU A 431 -22.27 5.77 2.49
C LEU A 431 -23.50 5.22 1.80
N LEU A 432 -24.62 5.17 2.53
CA LEU A 432 -25.80 4.64 1.93
C LEU A 432 -26.27 5.48 0.74
N ARG A 433 -25.99 6.79 0.77
CA ARG A 433 -26.39 7.61 -0.34
C ARG A 433 -25.60 7.25 -1.63
N ALA A 434 -24.29 6.99 -1.47
CA ALA A 434 -23.50 6.49 -2.58
C ALA A 434 -24.06 5.12 -3.03
N ILE A 435 -24.45 4.27 -2.07
CA ILE A 435 -25.01 3.04 -2.50
C ILE A 435 -26.23 3.27 -3.38
N ARG A 436 -27.11 4.19 -2.95
CA ARG A 436 -28.33 4.49 -3.69
C ARG A 436 -27.99 5.01 -5.09
N ARG A 437 -26.90 5.77 -5.13
CA ARG A 437 -26.51 6.35 -6.36
C ARG A 437 -26.16 5.24 -7.34
N ALA A 438 -25.46 4.24 -6.85
CA ALA A 438 -25.04 3.15 -7.67
C ALA A 438 -26.28 2.35 -8.12
N PHE A 439 -27.24 2.15 -7.22
CA PHE A 439 -28.47 1.55 -7.70
C PHE A 439 -29.15 2.34 -8.82
N VAL A 440 -29.09 3.66 -8.76
CA VAL A 440 -29.73 4.43 -9.79
C VAL A 440 -28.99 4.26 -11.11
N LEU A 441 -27.67 4.40 -11.08
CA LEU A 441 -26.87 4.23 -12.27
C LEU A 441 -27.04 2.86 -12.88
N TRP A 442 -27.13 1.85 -12.02
CA TRP A 442 -27.34 0.49 -12.48
C TRP A 442 -28.62 0.34 -13.28
N SER A 443 -29.66 1.10 -12.98
CA SER A 443 -30.85 0.96 -13.79
C SER A 443 -30.79 1.78 -15.08
N ARG A 444 -29.64 2.39 -15.38
CA ARG A 444 -29.47 3.05 -16.66
C ARG A 444 -28.26 2.39 -17.33
N PRO A 445 -28.40 1.13 -17.82
CA PRO A 445 -27.24 0.33 -18.33
C PRO A 445 -26.28 1.04 -19.30
N SER A 446 -26.80 1.84 -20.23
CA SER A 446 -25.94 2.65 -21.11
C SER A 446 -25.02 3.53 -20.31
N LEU A 447 -25.57 4.23 -19.31
CA LEU A 447 -24.80 5.08 -18.46
C LEU A 447 -23.81 4.23 -17.65
N TRP A 448 -24.27 3.10 -17.12
CA TRP A 448 -23.33 2.30 -16.41
C TRP A 448 -22.12 2.00 -17.31
N ARG A 449 -22.41 1.61 -18.55
CA ARG A 449 -21.33 1.19 -19.44
C ARG A 449 -20.40 2.37 -19.78
N PHE A 450 -21.01 3.53 -19.98
CA PHE A 450 -20.26 4.75 -20.24
C PHE A 450 -19.28 5.04 -19.13
N VAL A 451 -19.74 4.99 -17.87
CA VAL A 451 -18.87 5.16 -16.70
C VAL A 451 -17.79 4.07 -16.55
N GLN A 452 -18.22 2.83 -16.70
CA GLN A 452 -17.24 1.74 -16.83
C GLN A 452 -16.11 2.06 -17.80
N ARG A 453 -16.41 2.54 -19.03
CA ARG A 453 -15.32 2.75 -19.98
C ARG A 453 -14.34 3.87 -19.54
N GLN A 454 -14.90 4.97 -19.02
CA GLN A 454 -14.10 6.02 -18.45
C GLN A 454 -13.23 5.50 -17.29
N ALA A 455 -13.84 4.71 -16.39
CA ALA A 455 -13.06 4.09 -15.36
C ALA A 455 -11.89 3.38 -16.00
N MET A 456 -12.14 2.54 -17.01
CA MET A 456 -11.03 1.77 -17.59
C MET A 456 -10.05 2.58 -18.46
N ALA A 457 -10.30 3.87 -18.61
CA ALA A 457 -9.42 4.75 -19.37
C ALA A 457 -8.42 5.46 -18.45
N MET A 458 -8.70 5.47 -17.16
CA MET A 458 -7.76 6.11 -16.26
C MET A 458 -6.42 5.34 -16.32
N ASP A 459 -5.34 6.08 -16.19
CA ASP A 459 -4.07 5.41 -16.29
C ASP A 459 -3.18 5.63 -15.09
N PHE A 460 -2.69 4.57 -14.49
CA PHE A 460 -1.80 4.74 -13.33
C PHE A 460 -0.46 4.11 -13.58
N SER A 461 0.48 4.91 -14.01
CA SER A 461 1.62 4.33 -14.58
C SER A 461 2.82 4.48 -13.67
N TRP A 462 3.57 3.39 -13.44
CA TRP A 462 4.76 3.48 -12.62
C TRP A 462 5.85 4.30 -13.29
N GLN A 463 5.93 4.22 -14.64
CA GLN A 463 7.01 4.97 -15.33
C GLN A 463 6.66 6.45 -15.24
N VAL A 464 5.38 6.76 -15.15
CA VAL A 464 5.04 8.14 -14.99
C VAL A 464 5.51 8.60 -13.61
N ALA A 465 5.02 7.91 -12.55
CA ALA A 465 5.55 8.03 -11.20
C ALA A 465 7.09 8.07 -11.18
N ALA A 466 7.79 7.16 -11.88
CA ALA A 466 9.27 7.17 -11.78
C ALA A 466 9.83 8.52 -12.11
N LYS A 467 9.23 9.16 -13.10
CA LYS A 467 9.69 10.41 -13.61
C LYS A 467 9.63 11.42 -12.52
N SER A 468 8.55 11.39 -11.71
CA SER A 468 8.50 12.35 -10.62
C SER A 468 9.61 12.08 -9.62
N TYR A 469 9.79 10.83 -9.21
CA TYR A 469 10.86 10.55 -8.31
C TYR A 469 12.19 10.96 -8.94
N ARG A 470 12.34 10.80 -10.24
CA ARG A 470 13.63 11.11 -10.87
C ARG A 470 13.92 12.61 -10.69
N GLU A 471 12.87 13.41 -10.85
CA GLU A 471 12.99 14.85 -10.72
C GLU A 471 13.50 15.16 -9.33
N LEU A 472 12.92 14.50 -8.33
CA LEU A 472 13.32 14.66 -6.95
C LEU A 472 14.79 14.26 -6.75
N TYR A 473 15.16 13.07 -7.18
CA TYR A 473 16.51 12.64 -6.96
C TYR A 473 17.50 13.61 -7.55
N TYR A 474 17.16 14.25 -8.67
CA TYR A 474 18.06 15.29 -9.23
C TYR A 474 18.02 16.62 -8.43
N ARG A 475 16.85 17.18 -8.11
CA ARG A 475 16.83 18.32 -7.25
C ARG A 475 17.79 18.07 -6.02
N LEU A 476 17.72 16.94 -5.32
CA LEU A 476 18.66 16.70 -4.20
C LEU A 476 20.12 16.48 -4.57
N LYS A 477 20.38 16.10 -5.81
CA LYS A 477 21.73 16.11 -6.38
C LYS A 477 22.59 15.05 -5.79
#